data_1WOS
#
_entry.id   1WOS
#
_cell.length_a   52.365
_cell.length_b   53.852
_cell.length_c   149.157
_cell.angle_alpha   90.00
_cell.angle_beta   90.00
_cell.angle_gamma   90.00
#
_symmetry.space_group_name_H-M   'P 21 21 21'
#
loop_
_entity.id
_entity.type
_entity.pdbx_description
1 polymer Aminomethyltransferase
2 water water
#
_entity_poly.entity_id   1
_entity_poly.type   'polypeptide(L)'
_entity_poly.pdbx_seq_one_letter_code
;MKRTPLFEKHVELGAKMVDFAGWEMPLYYTSIFEEVMAVRKSVGMFDVSHMGEFLVKGPEAVSFIDFLITNDFSSLPDGK
AIYSVMCNENGGIIDDLVVYKVSPDEALMVVNAANIEKDFNWIKSHSKNFDVEVSNISDTTALIAFQGPKAQETLQELVE
DGLEEIAYYSFRKSIVAGVETLVSRTGYTGEDGFELMLEAKNAPKVWDALMNLLRKIDGRPAGLGARDVCRLEATYLLYG
QDMDENTNPFEVGLSWVVKLNKDFVGKEALLKAKEKVERKLVALELSGKRIARKGYEVLKNGERVGEITSGNFSPTLGKS
IALALVSKSVKIGDQLGVVFPGGKLVEALVVKKPFYRGSVRREV
;
_entity_poly.pdbx_strand_id   A
#
# COMPACT_ATOMS: atom_id res chain seq x y z
N MET A 1 15.04 -5.68 16.58
CA MET A 1 14.05 -5.54 15.47
C MET A 1 14.35 -6.54 14.35
N LYS A 2 13.33 -6.81 13.53
CA LYS A 2 13.49 -7.71 12.41
C LYS A 2 14.30 -6.98 11.36
N ARG A 3 15.06 -7.72 10.57
CA ARG A 3 15.88 -7.14 9.53
C ARG A 3 15.61 -7.78 8.18
N THR A 4 15.47 -6.94 7.18
CA THR A 4 15.23 -7.36 5.81
C THR A 4 16.56 -7.90 5.25
N PRO A 5 16.49 -8.73 4.18
CA PRO A 5 17.75 -9.24 3.62
C PRO A 5 18.63 -8.13 3.03
N LEU A 6 18.10 -6.91 3.00
CA LEU A 6 18.83 -5.76 2.47
C LEU A 6 19.29 -4.79 3.57
N PHE A 7 19.07 -5.17 4.82
CA PHE A 7 19.48 -4.33 5.95
C PHE A 7 20.91 -3.83 5.81
N GLU A 8 21.85 -4.74 5.59
CA GLU A 8 23.26 -4.37 5.45
C GLU A 8 23.46 -3.31 4.36
N LYS A 9 22.72 -3.44 3.27
CA LYS A 9 22.80 -2.50 2.17
C LYS A 9 22.38 -1.10 2.61
N HIS A 10 21.28 -1.03 3.35
CA HIS A 10 20.77 0.24 3.84
C HIS A 10 21.76 0.93 4.77
N VAL A 11 22.33 0.18 5.71
CA VAL A 11 23.28 0.74 6.65
C VAL A 11 24.50 1.25 5.89
N GLU A 12 24.97 0.45 4.93
CA GLU A 12 26.13 0.81 4.13
C GLU A 12 25.91 2.12 3.38
N LEU A 13 24.70 2.32 2.88
CA LEU A 13 24.35 3.53 2.16
C LEU A 13 24.19 4.72 3.11
N GLY A 14 24.33 4.44 4.41
CA GLY A 14 24.24 5.48 5.41
C GLY A 14 22.84 5.99 5.73
N ALA A 15 21.84 5.16 5.53
CA ALA A 15 20.47 5.57 5.80
C ALA A 15 20.20 5.69 7.30
N LYS A 16 19.26 6.56 7.65
CA LYS A 16 18.88 6.73 9.06
C LYS A 16 17.81 5.68 9.26
N MET A 17 18.05 4.76 10.18
CA MET A 17 17.10 3.68 10.45
C MET A 17 16.01 4.05 11.44
N VAL A 18 14.83 3.48 11.24
CA VAL A 18 13.68 3.71 12.11
C VAL A 18 12.94 2.38 12.30
N ASP A 19 12.15 2.30 13.35
CA ASP A 19 11.39 1.08 13.63
C ASP A 19 10.01 1.20 12.99
N PHE A 20 9.67 0.24 12.13
CA PHE A 20 8.37 0.23 11.48
C PHE A 20 7.78 -1.18 11.57
N ALA A 21 6.69 -1.32 12.33
CA ALA A 21 6.05 -2.63 12.47
C ALA A 21 7.03 -3.67 12.99
N GLY A 22 7.97 -3.25 13.84
CA GLY A 22 8.94 -4.18 14.39
C GLY A 22 10.14 -4.47 13.51
N TRP A 23 10.20 -3.81 12.36
CA TRP A 23 11.29 -3.97 11.41
C TRP A 23 12.21 -2.75 11.44
N GLU A 24 13.52 -3.01 11.36
CA GLU A 24 14.52 -1.96 11.33
C GLU A 24 14.60 -1.53 9.87
N MET A 25 14.02 -0.36 9.57
CA MET A 25 13.95 0.15 8.19
C MET A 25 14.56 1.54 7.97
N PRO A 26 14.91 1.84 6.71
CA PRO A 26 15.50 3.13 6.32
C PRO A 26 14.44 4.22 6.26
N LEU A 27 14.57 5.25 7.08
CA LEU A 27 13.63 6.37 7.06
C LEU A 27 13.94 7.16 5.80
N TYR A 28 15.24 7.33 5.52
CA TYR A 28 15.72 8.01 4.33
C TYR A 28 17.21 7.76 4.19
N TYR A 29 17.76 8.05 3.02
CA TYR A 29 19.18 7.85 2.78
C TYR A 29 19.85 9.21 2.71
N THR A 30 19.26 10.11 1.93
CA THR A 30 19.77 11.47 1.77
C THR A 30 18.78 12.37 2.51
N SER A 31 17.58 12.49 1.98
CA SER A 31 16.54 13.30 2.61
C SER A 31 15.19 12.87 2.08
N ILE A 32 14.15 13.02 2.89
CA ILE A 32 12.81 12.63 2.47
C ILE A 32 12.42 13.39 1.19
N PHE A 33 12.65 14.70 1.16
CA PHE A 33 12.29 15.49 -0.01
C PHE A 33 13.01 15.07 -1.29
N GLU A 34 14.32 14.83 -1.19
CA GLU A 34 15.09 14.43 -2.37
C GLU A 34 14.59 13.09 -2.90
N GLU A 35 14.17 12.21 -2.00
CA GLU A 35 13.69 10.91 -2.41
C GLU A 35 12.30 10.99 -3.01
N VAL A 36 11.47 11.90 -2.50
CA VAL A 36 10.12 12.07 -3.05
C VAL A 36 10.28 12.64 -4.46
N MET A 37 11.23 13.56 -4.61
CA MET A 37 11.51 14.19 -5.91
C MET A 37 11.91 13.11 -6.92
N ALA A 38 12.76 12.19 -6.48
CA ALA A 38 13.23 11.10 -7.34
C ALA A 38 12.05 10.28 -7.85
N VAL A 39 11.13 9.95 -6.95
CA VAL A 39 9.95 9.18 -7.33
C VAL A 39 9.08 9.94 -8.33
N ARG A 40 8.96 11.25 -8.11
CA ARG A 40 8.14 12.10 -8.97
C ARG A 40 8.77 12.48 -10.30
N LYS A 41 10.10 12.43 -10.39
CA LYS A 41 10.79 12.82 -11.62
C LYS A 41 11.51 11.72 -12.39
N SER A 42 12.12 10.78 -11.67
CA SER A 42 12.86 9.70 -12.33
C SER A 42 12.49 8.34 -11.76
N VAL A 43 13.24 7.89 -10.75
CA VAL A 43 12.97 6.61 -10.12
C VAL A 43 13.37 6.60 -8.65
N GLY A 44 12.50 5.99 -7.84
CA GLY A 44 12.76 5.85 -6.42
C GLY A 44 12.64 4.36 -6.13
N MET A 45 13.68 3.76 -5.55
CA MET A 45 13.63 2.34 -5.26
C MET A 45 13.43 2.08 -3.77
N PHE A 46 12.41 1.30 -3.44
CA PHE A 46 12.10 0.98 -2.04
C PHE A 46 12.24 -0.49 -1.68
N ASP A 47 12.80 -0.75 -0.52
CA ASP A 47 12.90 -2.11 -0.02
C ASP A 47 11.59 -2.33 0.76
N VAL A 48 10.72 -3.19 0.25
CA VAL A 48 9.47 -3.46 0.95
C VAL A 48 9.39 -4.95 1.31
N SER A 49 10.54 -5.51 1.69
CA SER A 49 10.65 -6.91 2.05
C SER A 49 10.03 -7.26 3.40
N HIS A 50 9.50 -6.25 4.09
CA HIS A 50 8.85 -6.49 5.36
C HIS A 50 7.43 -6.98 5.08
N MET A 51 6.95 -6.77 3.86
CA MET A 51 5.61 -7.21 3.46
C MET A 51 5.57 -8.74 3.51
N GLY A 52 4.40 -9.28 3.84
CA GLY A 52 4.28 -10.72 3.89
C GLY A 52 3.68 -11.31 2.64
N GLU A 53 3.97 -12.59 2.38
CA GLU A 53 3.44 -13.28 1.22
C GLU A 53 2.92 -14.65 1.61
N PHE A 54 1.68 -14.94 1.25
CA PHE A 54 1.07 -16.22 1.56
C PHE A 54 0.76 -16.93 0.24
N LEU A 55 0.89 -18.26 0.26
CA LEU A 55 0.60 -19.04 -0.92
C LEU A 55 -0.61 -19.91 -0.63
N VAL A 56 -1.56 -19.91 -1.56
CA VAL A 56 -2.77 -20.71 -1.43
C VAL A 56 -2.71 -21.64 -2.63
N LYS A 57 -2.47 -22.93 -2.35
CA LYS A 57 -2.37 -23.90 -3.43
C LYS A 57 -3.43 -24.99 -3.29
N GLY A 58 -4.05 -25.34 -4.41
CA GLY A 58 -5.08 -26.36 -4.37
C GLY A 58 -6.17 -26.09 -5.39
N PRO A 59 -6.98 -27.11 -5.69
CA PRO A 59 -8.08 -27.03 -6.65
C PRO A 59 -9.06 -25.90 -6.39
N GLU A 60 -9.25 -25.54 -5.12
CA GLU A 60 -10.20 -24.48 -4.78
C GLU A 60 -9.57 -23.17 -4.34
N ALA A 61 -8.36 -22.90 -4.83
CA ALA A 61 -7.67 -21.66 -4.48
C ALA A 61 -8.51 -20.44 -4.82
N VAL A 62 -9.11 -20.44 -6.01
CA VAL A 62 -9.92 -19.32 -6.46
C VAL A 62 -11.14 -19.10 -5.56
N SER A 63 -11.89 -20.16 -5.27
CA SER A 63 -13.07 -20.03 -4.42
C SER A 63 -12.70 -19.59 -3.02
N PHE A 64 -11.59 -20.11 -2.50
CA PHE A 64 -11.15 -19.75 -1.15
C PHE A 64 -10.87 -18.25 -1.09
N ILE A 65 -10.05 -17.77 -2.02
CA ILE A 65 -9.72 -16.34 -2.05
C ILE A 65 -10.99 -15.50 -2.18
N ASP A 66 -11.86 -15.89 -3.11
CA ASP A 66 -13.10 -15.16 -3.34
C ASP A 66 -13.97 -15.13 -2.08
N PHE A 67 -13.80 -16.13 -1.22
CA PHE A 67 -14.56 -16.22 0.02
C PHE A 67 -13.99 -15.27 1.08
N LEU A 68 -12.67 -15.13 1.08
CA LEU A 68 -11.97 -14.29 2.05
C LEU A 68 -11.98 -12.80 1.76
N ILE A 69 -11.83 -12.44 0.49
CA ILE A 69 -11.77 -11.02 0.14
C ILE A 69 -13.08 -10.45 -0.41
N THR A 70 -13.21 -9.12 -0.30
CA THR A 70 -14.42 -8.45 -0.74
C THR A 70 -14.51 -8.22 -2.26
N ASN A 71 -13.35 -8.16 -2.92
CA ASN A 71 -13.32 -7.92 -4.36
C ASN A 71 -13.56 -9.21 -5.13
N ASP A 72 -13.93 -9.07 -6.41
CA ASP A 72 -14.25 -10.22 -7.24
C ASP A 72 -13.01 -10.92 -7.83
N PHE A 73 -12.61 -12.02 -7.19
CA PHE A 73 -11.44 -12.78 -7.62
C PHE A 73 -11.81 -13.91 -8.57
N SER A 74 -13.07 -14.35 -8.49
CA SER A 74 -13.53 -15.46 -9.33
C SER A 74 -13.46 -15.14 -10.82
N SER A 75 -13.34 -13.86 -11.16
CA SER A 75 -13.29 -13.46 -12.56
C SER A 75 -11.88 -13.21 -13.09
N LEU A 76 -10.95 -12.92 -12.21
CA LEU A 76 -9.57 -12.65 -12.63
C LEU A 76 -8.94 -13.76 -13.45
N PRO A 77 -8.23 -13.39 -14.53
CA PRO A 77 -7.58 -14.38 -15.38
C PRO A 77 -6.14 -14.58 -14.88
N ASP A 78 -5.48 -15.64 -15.34
CA ASP A 78 -4.11 -15.92 -14.95
C ASP A 78 -3.24 -14.67 -15.20
N GLY A 79 -2.27 -14.44 -14.34
CA GLY A 79 -1.37 -13.31 -14.53
C GLY A 79 -1.93 -11.95 -14.15
N LYS A 80 -3.03 -11.94 -13.40
CA LYS A 80 -3.64 -10.70 -12.98
C LYS A 80 -3.68 -10.64 -11.44
N ALA A 81 -3.54 -9.43 -10.91
CA ALA A 81 -3.59 -9.24 -9.46
C ALA A 81 -4.75 -8.33 -9.15
N ILE A 82 -5.16 -8.29 -7.89
CA ILE A 82 -6.29 -7.45 -7.51
C ILE A 82 -6.09 -6.87 -6.11
N TYR A 83 -6.48 -5.62 -5.94
CA TYR A 83 -6.38 -4.95 -4.65
C TYR A 83 -7.71 -5.18 -3.94
N SER A 84 -7.66 -5.38 -2.63
CA SER A 84 -8.90 -5.63 -1.90
C SER A 84 -8.70 -5.48 -0.41
N VAL A 85 -9.77 -5.70 0.32
CA VAL A 85 -9.73 -5.68 1.76
C VAL A 85 -10.23 -7.06 2.14
N MET A 86 -9.92 -7.48 3.36
CA MET A 86 -10.35 -8.75 3.89
C MET A 86 -11.08 -8.30 5.16
N CYS A 87 -12.35 -8.65 5.30
CA CYS A 87 -13.13 -8.23 6.46
C CYS A 87 -13.49 -9.34 7.44
N ASN A 88 -13.84 -8.95 8.67
CA ASN A 88 -14.26 -9.92 9.66
C ASN A 88 -15.78 -10.06 9.51
N GLU A 89 -16.40 -10.87 10.35
CA GLU A 89 -17.84 -11.10 10.26
C GLU A 89 -18.67 -9.83 10.41
N ASN A 90 -18.14 -8.82 11.10
CA ASN A 90 -18.86 -7.57 11.31
C ASN A 90 -18.57 -6.49 10.26
N GLY A 91 -17.87 -6.87 9.19
CA GLY A 91 -17.57 -5.91 8.15
C GLY A 91 -16.34 -5.05 8.41
N GLY A 92 -15.67 -5.31 9.53
CA GLY A 92 -14.47 -4.56 9.88
C GLY A 92 -13.30 -5.01 9.02
N ILE A 93 -12.41 -4.07 8.70
CA ILE A 93 -11.26 -4.39 7.86
C ILE A 93 -10.11 -5.00 8.64
N ILE A 94 -9.80 -6.25 8.32
CA ILE A 94 -8.71 -6.97 8.96
C ILE A 94 -7.40 -6.51 8.33
N ASP A 95 -7.44 -6.24 7.03
CA ASP A 95 -6.25 -5.76 6.34
C ASP A 95 -6.61 -5.50 4.88
N ASP A 96 -5.80 -4.69 4.20
CA ASP A 96 -6.03 -4.50 2.78
C ASP A 96 -4.89 -5.32 2.21
N LEU A 97 -5.03 -5.80 0.98
CA LEU A 97 -4.00 -6.63 0.39
C LEU A 97 -4.10 -6.71 -1.12
N VAL A 98 -3.14 -7.40 -1.71
CA VAL A 98 -3.07 -7.61 -3.15
C VAL A 98 -2.94 -9.11 -3.37
N VAL A 99 -3.85 -9.68 -4.16
CA VAL A 99 -3.81 -11.11 -4.43
C VAL A 99 -3.48 -11.35 -5.90
N TYR A 100 -2.54 -12.25 -6.15
CA TYR A 100 -2.12 -12.59 -7.51
C TYR A 100 -2.76 -13.91 -7.94
N LYS A 101 -3.40 -13.93 -9.10
CA LYS A 101 -3.97 -15.17 -9.59
C LYS A 101 -2.95 -15.79 -10.53
N VAL A 102 -2.14 -16.70 -10.00
CA VAL A 102 -1.11 -17.36 -10.78
C VAL A 102 -1.77 -18.36 -11.72
N SER A 103 -2.67 -19.16 -11.17
CA SER A 103 -3.40 -20.18 -11.93
C SER A 103 -4.61 -20.61 -11.11
N PRO A 104 -5.48 -21.45 -11.68
CA PRO A 104 -6.64 -21.86 -10.90
C PRO A 104 -6.26 -22.61 -9.63
N ASP A 105 -5.04 -23.15 -9.60
CA ASP A 105 -4.58 -23.89 -8.43
C ASP A 105 -3.56 -23.12 -7.59
N GLU A 106 -3.35 -21.85 -7.88
CA GLU A 106 -2.38 -21.09 -7.09
C GLU A 106 -2.64 -19.59 -7.04
N ALA A 107 -2.71 -19.07 -5.82
CA ALA A 107 -2.94 -17.65 -5.58
C ALA A 107 -1.89 -17.21 -4.57
N LEU A 108 -1.40 -15.99 -4.73
CA LEU A 108 -0.40 -15.45 -3.81
C LEU A 108 -0.97 -14.18 -3.20
N MET A 109 -0.87 -14.09 -1.88
CA MET A 109 -1.42 -12.93 -1.16
C MET A 109 -0.29 -12.10 -0.55
N VAL A 110 -0.26 -10.81 -0.87
CA VAL A 110 0.75 -9.93 -0.31
C VAL A 110 0.04 -9.07 0.74
N VAL A 111 0.46 -9.18 2.00
CA VAL A 111 -0.18 -8.46 3.08
C VAL A 111 0.78 -7.53 3.80
N ASN A 112 0.25 -6.67 4.67
CA ASN A 112 1.07 -5.72 5.41
C ASN A 112 1.88 -6.34 6.53
N ALA A 113 3.11 -5.83 6.67
CA ALA A 113 4.06 -6.30 7.68
C ALA A 113 3.48 -6.47 9.09
N ALA A 114 2.84 -5.42 9.60
CA ALA A 114 2.27 -5.47 10.95
C ALA A 114 1.15 -6.50 11.10
N ASN A 115 0.60 -6.96 9.99
CA ASN A 115 -0.50 -7.91 10.05
C ASN A 115 -0.24 -9.33 9.58
N ILE A 116 1.02 -9.68 9.35
CA ILE A 116 1.31 -11.03 8.86
C ILE A 116 0.75 -12.14 9.76
N GLU A 117 1.01 -12.07 11.06
CA GLU A 117 0.52 -13.08 12.00
C GLU A 117 -1.00 -13.11 12.06
N LYS A 118 -1.59 -11.94 12.30
CA LYS A 118 -3.04 -11.82 12.38
C LYS A 118 -3.69 -12.34 11.09
N ASP A 119 -3.18 -11.88 9.95
CA ASP A 119 -3.73 -12.30 8.66
C ASP A 119 -3.60 -13.80 8.42
N PHE A 120 -2.39 -14.32 8.61
CA PHE A 120 -2.16 -15.75 8.38
C PHE A 120 -3.07 -16.62 9.26
N ASN A 121 -3.21 -16.26 10.52
CA ASN A 121 -4.06 -17.03 11.43
C ASN A 121 -5.51 -16.96 10.98
N TRP A 122 -5.92 -15.80 10.49
CA TRP A 122 -7.28 -15.60 10.01
C TRP A 122 -7.53 -16.44 8.78
N ILE A 123 -6.60 -16.39 7.83
CA ILE A 123 -6.75 -17.15 6.60
C ILE A 123 -6.75 -18.66 6.85
N LYS A 124 -5.86 -19.12 7.71
CA LYS A 124 -5.80 -20.55 8.01
C LYS A 124 -7.01 -21.03 8.81
N SER A 125 -7.56 -20.15 9.64
CA SER A 125 -8.72 -20.52 10.44
C SER A 125 -9.99 -20.52 9.58
N HIS A 126 -9.82 -20.32 8.27
CA HIS A 126 -10.96 -20.30 7.34
C HIS A 126 -10.77 -21.22 6.15
N SER A 127 -9.68 -21.98 6.13
CA SER A 127 -9.42 -22.88 5.00
C SER A 127 -10.12 -24.23 5.13
N LYS A 128 -10.69 -24.48 6.30
CA LYS A 128 -11.36 -25.75 6.56
C LYS A 128 -12.22 -26.34 5.43
N ASN A 129 -13.20 -25.60 4.95
CA ASN A 129 -14.07 -26.13 3.91
C ASN A 129 -13.63 -25.91 2.48
N PHE A 130 -12.34 -25.70 2.27
CA PHE A 130 -11.80 -25.50 0.94
C PHE A 130 -10.65 -26.46 0.68
N ASP A 131 -10.61 -27.02 -0.53
CA ASP A 131 -9.56 -27.94 -0.90
C ASP A 131 -8.34 -27.11 -1.28
N VAL A 132 -7.65 -26.61 -0.26
CA VAL A 132 -6.46 -25.79 -0.46
C VAL A 132 -5.50 -25.99 0.70
N GLU A 133 -4.26 -25.55 0.48
CA GLU A 133 -3.23 -25.61 1.50
C GLU A 133 -2.67 -24.20 1.53
N VAL A 134 -2.61 -23.62 2.72
CA VAL A 134 -2.12 -22.26 2.86
C VAL A 134 -0.76 -22.26 3.53
N SER A 135 0.19 -21.52 2.96
CA SER A 135 1.53 -21.46 3.51
C SER A 135 2.02 -20.02 3.55
N ASN A 136 2.92 -19.75 4.49
CA ASN A 136 3.49 -18.43 4.66
C ASN A 136 4.91 -18.51 4.13
N ILE A 137 5.22 -17.80 3.05
CA ILE A 137 6.57 -17.84 2.50
C ILE A 137 7.33 -16.55 2.77
N SER A 138 6.78 -15.69 3.61
CA SER A 138 7.39 -14.41 3.94
C SER A 138 8.84 -14.54 4.41
N ASP A 139 9.11 -15.54 5.24
CA ASP A 139 10.45 -15.70 5.80
C ASP A 139 11.57 -15.84 4.79
N THR A 140 11.27 -16.23 3.55
CA THR A 140 12.31 -16.38 2.55
C THR A 140 12.03 -15.60 1.26
N THR A 141 11.17 -14.60 1.35
CA THR A 141 10.84 -13.81 0.17
C THR A 141 11.08 -12.33 0.36
N ALA A 142 11.63 -11.70 -0.67
CA ALA A 142 11.90 -10.28 -0.64
C ALA A 142 11.03 -9.59 -1.69
N LEU A 143 10.86 -8.28 -1.53
CA LEU A 143 10.04 -7.49 -2.43
C LEU A 143 10.67 -6.11 -2.58
N ILE A 144 10.92 -5.71 -3.82
CA ILE A 144 11.53 -4.42 -4.12
C ILE A 144 10.61 -3.63 -5.04
N ALA A 145 10.32 -2.38 -4.67
CA ALA A 145 9.45 -1.52 -5.48
C ALA A 145 10.32 -0.53 -6.26
N PHE A 146 10.19 -0.56 -7.59
CA PHE A 146 10.95 0.32 -8.48
C PHE A 146 9.88 1.26 -9.05
N GLN A 147 9.81 2.47 -8.50
CA GLN A 147 8.78 3.45 -8.86
C GLN A 147 9.25 4.78 -9.47
N GLY A 148 8.47 5.27 -10.43
CA GLY A 148 8.81 6.54 -11.06
C GLY A 148 8.45 6.61 -12.53
N PRO A 149 8.41 7.84 -13.10
CA PRO A 149 8.07 8.02 -14.51
C PRO A 149 9.08 7.31 -15.42
N LYS A 150 10.29 7.12 -14.93
CA LYS A 150 11.35 6.46 -15.69
C LYS A 150 11.65 5.05 -15.21
N ALA A 151 10.76 4.51 -14.38
CA ALA A 151 10.96 3.17 -13.85
C ALA A 151 11.14 2.10 -14.94
N GLN A 152 10.18 2.07 -15.86
CA GLN A 152 10.20 1.07 -16.93
C GLN A 152 11.44 1.15 -17.82
N GLU A 153 11.67 2.30 -18.42
CA GLU A 153 12.80 2.48 -19.31
C GLU A 153 14.14 2.22 -18.64
N THR A 154 14.18 2.35 -17.31
CA THR A 154 15.40 2.12 -16.56
C THR A 154 15.60 0.65 -16.20
N LEU A 155 14.51 -0.01 -15.81
CA LEU A 155 14.53 -1.41 -15.40
C LEU A 155 14.64 -2.41 -16.55
N GLN A 156 14.09 -2.07 -17.70
CA GLN A 156 14.11 -2.98 -18.84
C GLN A 156 15.44 -3.65 -19.14
N GLU A 157 16.52 -2.87 -19.09
CA GLU A 157 17.85 -3.39 -19.39
C GLU A 157 18.18 -4.67 -18.64
N LEU A 158 17.63 -4.82 -17.44
CA LEU A 158 17.91 -6.00 -16.63
C LEU A 158 16.87 -7.11 -16.66
N VAL A 159 15.76 -6.88 -17.34
CA VAL A 159 14.70 -7.87 -17.42
C VAL A 159 14.66 -8.56 -18.78
N GLU A 160 14.65 -9.89 -18.76
CA GLU A 160 14.66 -10.67 -19.99
C GLU A 160 13.37 -10.64 -20.81
N ASP A 161 12.27 -10.22 -20.18
CA ASP A 161 10.99 -10.15 -20.87
C ASP A 161 10.59 -8.68 -21.04
N GLY A 162 9.70 -8.41 -21.99
CA GLY A 162 9.26 -7.05 -22.23
C GLY A 162 8.32 -6.53 -21.16
N LEU A 163 8.70 -5.43 -20.52
CA LEU A 163 7.87 -4.82 -19.48
C LEU A 163 6.63 -4.15 -20.05
N GLU A 164 6.74 -3.63 -21.27
CA GLU A 164 5.62 -2.97 -21.92
C GLU A 164 4.37 -3.84 -21.90
N GLU A 165 4.56 -5.12 -22.21
CA GLU A 165 3.47 -6.09 -22.25
C GLU A 165 2.69 -6.21 -20.95
N ILE A 166 3.37 -6.03 -19.83
CA ILE A 166 2.73 -6.14 -18.52
C ILE A 166 1.83 -4.94 -18.23
N ALA A 167 0.53 -5.19 -18.20
CA ALA A 167 -0.44 -4.13 -17.94
C ALA A 167 -0.51 -3.79 -16.45
N TYR A 168 -1.21 -2.71 -16.12
CA TYR A 168 -1.37 -2.29 -14.74
C TYR A 168 -2.02 -3.43 -13.96
N TYR A 169 -1.41 -3.77 -12.84
CA TYR A 169 -1.88 -4.85 -11.97
C TYR A 169 -1.83 -6.23 -12.59
N SER A 170 -0.97 -6.40 -13.59
CA SER A 170 -0.76 -7.71 -14.19
C SER A 170 0.64 -8.07 -13.72
N PHE A 171 1.03 -9.32 -13.86
CA PHE A 171 2.36 -9.73 -13.43
C PHE A 171 2.84 -10.87 -14.31
N ARG A 172 4.14 -11.12 -14.25
CA ARG A 172 4.75 -12.17 -15.06
C ARG A 172 6.01 -12.69 -14.38
N LYS A 173 6.28 -13.99 -14.56
CA LYS A 173 7.49 -14.56 -14.00
C LYS A 173 8.56 -14.25 -15.03
N SER A 174 9.66 -13.66 -14.60
CA SER A 174 10.73 -13.33 -15.52
C SER A 174 12.08 -13.39 -14.83
N ILE A 175 13.12 -12.92 -15.52
CA ILE A 175 14.46 -12.93 -14.96
C ILE A 175 14.96 -11.50 -14.85
N VAL A 176 15.33 -11.10 -13.64
CA VAL A 176 15.84 -9.76 -13.38
C VAL A 176 17.26 -9.87 -12.85
N ALA A 177 18.19 -9.18 -13.50
CA ALA A 177 19.59 -9.23 -13.09
C ALA A 177 20.03 -10.67 -12.87
N GLY A 178 19.52 -11.57 -13.72
CA GLY A 178 19.88 -12.97 -13.64
C GLY A 178 19.18 -13.85 -12.61
N VAL A 179 18.13 -13.36 -11.97
CA VAL A 179 17.42 -14.18 -10.99
C VAL A 179 15.92 -14.22 -11.26
N GLU A 180 15.30 -15.36 -10.93
CA GLU A 180 13.87 -15.53 -11.13
C GLU A 180 13.13 -14.52 -10.29
N THR A 181 12.20 -13.79 -10.91
CA THR A 181 11.45 -12.77 -10.20
C THR A 181 10.00 -12.71 -10.66
N LEU A 182 9.11 -12.36 -9.74
CA LEU A 182 7.70 -12.21 -10.08
C LEU A 182 7.57 -10.70 -10.22
N VAL A 183 7.48 -10.23 -11.46
CA VAL A 183 7.38 -8.80 -11.75
C VAL A 183 5.94 -8.35 -12.01
N SER A 184 5.49 -7.38 -11.24
CA SER A 184 4.13 -6.84 -11.37
C SER A 184 4.16 -5.33 -11.58
N ARG A 185 3.17 -4.81 -12.31
CA ARG A 185 3.09 -3.38 -12.52
C ARG A 185 2.15 -2.90 -11.42
N THR A 186 2.74 -2.70 -10.26
CA THR A 186 2.00 -2.29 -9.07
C THR A 186 2.84 -1.27 -8.33
N GLY A 187 2.24 -0.59 -7.36
CA GLY A 187 2.98 0.41 -6.63
C GLY A 187 2.15 1.11 -5.57
N TYR A 188 2.80 2.02 -4.85
CA TYR A 188 2.18 2.74 -3.74
C TYR A 188 2.60 4.21 -3.84
N THR A 189 2.92 4.66 -5.05
CA THR A 189 3.41 6.02 -5.25
C THR A 189 2.58 6.97 -6.11
N GLY A 190 1.75 6.44 -6.99
CA GLY A 190 0.98 7.32 -7.86
C GLY A 190 1.72 7.53 -9.17
N GLU A 191 2.87 6.89 -9.30
CA GLU A 191 3.68 6.97 -10.52
C GLU A 191 3.69 5.58 -11.15
N ASP A 192 4.19 5.46 -12.37
CA ASP A 192 4.27 4.15 -13.00
C ASP A 192 5.32 3.42 -12.16
N GLY A 193 5.40 2.11 -12.29
CA GLY A 193 6.40 1.38 -11.51
C GLY A 193 6.10 -0.10 -11.41
N PHE A 194 7.02 -0.83 -10.81
CA PHE A 194 6.87 -2.27 -10.65
C PHE A 194 7.31 -2.71 -9.27
N GLU A 195 6.95 -3.94 -8.94
CA GLU A 195 7.37 -4.55 -7.69
C GLU A 195 8.00 -5.85 -8.13
N LEU A 196 9.14 -6.15 -7.53
CA LEU A 196 9.90 -7.34 -7.85
C LEU A 196 9.94 -8.26 -6.66
N MET A 197 9.25 -9.40 -6.78
CA MET A 197 9.22 -10.37 -5.71
C MET A 197 10.25 -11.44 -6.05
N LEU A 198 11.02 -11.85 -5.06
CA LEU A 198 12.05 -12.83 -5.32
C LEU A 198 12.53 -13.52 -4.06
N GLU A 199 13.36 -14.54 -4.23
CA GLU A 199 13.90 -15.24 -3.09
C GLU A 199 14.80 -14.27 -2.34
N ALA A 200 14.66 -14.24 -1.02
CA ALA A 200 15.44 -13.35 -0.18
C ALA A 200 16.94 -13.42 -0.43
N LYS A 201 17.45 -14.63 -0.69
CA LYS A 201 18.87 -14.81 -0.93
C LYS A 201 19.38 -13.99 -2.12
N ASN A 202 18.49 -13.70 -3.06
CA ASN A 202 18.85 -12.95 -4.26
C ASN A 202 18.59 -11.44 -4.18
N ALA A 203 18.04 -10.98 -3.07
CA ALA A 203 17.73 -9.57 -2.93
C ALA A 203 18.96 -8.66 -3.02
N PRO A 204 20.04 -9.00 -2.30
CA PRO A 204 21.25 -8.18 -2.34
C PRO A 204 21.78 -7.92 -3.76
N LYS A 205 21.88 -8.98 -4.56
CA LYS A 205 22.40 -8.84 -5.92
C LYS A 205 21.47 -8.01 -6.80
N VAL A 206 20.17 -8.25 -6.71
CA VAL A 206 19.22 -7.50 -7.52
C VAL A 206 19.25 -6.02 -7.12
N TRP A 207 19.30 -5.76 -5.82
CA TRP A 207 19.34 -4.39 -5.32
C TRP A 207 20.58 -3.66 -5.82
N ASP A 208 21.74 -4.32 -5.76
CA ASP A 208 22.97 -3.69 -6.21
C ASP A 208 22.91 -3.37 -7.71
N ALA A 209 22.38 -4.31 -8.49
CA ALA A 209 22.28 -4.13 -9.93
C ALA A 209 21.38 -2.93 -10.23
N LEU A 210 20.29 -2.82 -9.49
CA LEU A 210 19.36 -1.72 -9.68
C LEU A 210 19.98 -0.41 -9.23
N MET A 211 20.71 -0.43 -8.11
CA MET A 211 21.37 0.78 -7.63
C MET A 211 22.26 1.35 -8.73
N ASN A 212 22.95 0.45 -9.43
CA ASN A 212 23.84 0.85 -10.52
C ASN A 212 23.09 1.69 -11.55
N LEU A 213 21.92 1.21 -11.95
CA LEU A 213 21.10 1.90 -12.93
C LEU A 213 20.59 3.25 -12.44
N LEU A 214 20.23 3.32 -11.16
CA LEU A 214 19.72 4.56 -10.59
C LEU A 214 20.71 5.70 -10.69
N ARG A 215 21.97 5.43 -10.37
CA ARG A 215 23.00 6.45 -10.44
C ARG A 215 23.17 6.97 -11.87
N LYS A 216 22.88 6.11 -12.84
CA LYS A 216 22.99 6.47 -14.25
C LYS A 216 21.89 7.44 -14.66
N ILE A 217 20.70 7.28 -14.09
CA ILE A 217 19.56 8.14 -14.43
C ILE A 217 19.24 9.17 -13.35
N ASP A 218 20.12 9.29 -12.37
CA ASP A 218 19.94 10.24 -11.28
C ASP A 218 18.76 9.88 -10.37
N GLY A 219 18.43 8.59 -10.32
CA GLY A 219 17.35 8.13 -9.47
C GLY A 219 17.93 7.92 -8.09
N ARG A 220 17.13 7.42 -7.15
CA ARG A 220 17.65 7.22 -5.81
C ARG A 220 16.94 6.18 -4.95
N PRO A 221 17.68 5.60 -3.99
CA PRO A 221 17.04 4.61 -3.12
C PRO A 221 16.14 5.47 -2.24
N ALA A 222 14.94 5.01 -1.94
CA ALA A 222 14.01 5.79 -1.14
C ALA A 222 13.55 5.06 0.11
N GLY A 223 13.51 5.80 1.23
CA GLY A 223 13.11 5.21 2.49
C GLY A 223 11.64 5.33 2.82
N LEU A 224 11.28 4.98 4.05
CA LEU A 224 9.90 5.04 4.50
C LEU A 224 9.32 6.46 4.56
N GLY A 225 10.19 7.44 4.77
CA GLY A 225 9.74 8.82 4.81
C GLY A 225 9.11 9.20 3.48
N ALA A 226 9.84 8.96 2.40
CA ALA A 226 9.35 9.27 1.07
C ALA A 226 8.17 8.36 0.70
N ARG A 227 8.20 7.14 1.19
CA ARG A 227 7.11 6.22 0.89
C ARG A 227 5.78 6.74 1.43
N ASP A 228 5.79 7.24 2.66
CA ASP A 228 4.56 7.76 3.23
C ASP A 228 4.10 9.05 2.55
N VAL A 229 5.05 9.91 2.22
CA VAL A 229 4.72 11.16 1.55
C VAL A 229 4.06 10.86 0.20
N CYS A 230 4.70 10.00 -0.59
CA CYS A 230 4.18 9.66 -1.90
C CYS A 230 2.82 8.97 -1.87
N ARG A 231 2.63 8.03 -0.95
CA ARG A 231 1.35 7.34 -0.88
C ARG A 231 0.24 8.27 -0.44
N LEU A 232 0.53 9.18 0.48
CA LEU A 232 -0.47 10.13 0.96
C LEU A 232 -0.84 11.07 -0.17
N GLU A 233 0.17 11.55 -0.90
CA GLU A 233 -0.10 12.44 -2.02
C GLU A 233 -1.00 11.70 -3.00
N ALA A 234 -0.66 10.44 -3.28
CA ALA A 234 -1.42 9.61 -4.21
C ALA A 234 -2.76 9.25 -3.58
N THR A 235 -2.87 9.53 -2.29
CA THR A 235 -4.07 9.30 -1.51
C THR A 235 -4.40 7.82 -1.33
N TYR A 236 -3.37 7.01 -1.15
CA TYR A 236 -3.57 5.59 -0.91
C TYR A 236 -3.61 5.43 0.61
N LEU A 237 -4.26 4.37 1.07
CA LEU A 237 -4.39 4.15 2.51
C LEU A 237 -3.30 3.32 3.15
N LEU A 238 -3.17 3.48 4.45
CA LEU A 238 -2.19 2.73 5.22
C LEU A 238 -2.93 2.09 6.38
N TYR A 239 -3.02 0.76 6.36
CA TYR A 239 -3.72 0.05 7.42
C TYR A 239 -3.18 0.41 8.78
N GLY A 240 -4.09 0.62 9.74
CA GLY A 240 -3.69 0.96 11.09
C GLY A 240 -3.76 2.46 11.30
N GLN A 241 -3.56 3.22 10.23
CA GLN A 241 -3.61 4.67 10.33
C GLN A 241 -4.94 5.22 9.79
N ASP A 242 -5.29 4.81 8.57
CA ASP A 242 -6.52 5.28 7.95
C ASP A 242 -7.71 4.36 8.16
N MET A 243 -7.44 3.07 8.34
CA MET A 243 -8.52 2.12 8.55
C MET A 243 -8.02 0.95 9.39
N ASP A 244 -8.96 0.29 10.06
CA ASP A 244 -8.65 -0.89 10.88
C ASP A 244 -9.93 -1.66 11.04
N GLU A 245 -9.99 -2.55 12.02
CA GLU A 245 -11.19 -3.35 12.20
C GLU A 245 -12.39 -2.55 12.69
N ASN A 246 -12.16 -1.29 13.06
CA ASN A 246 -13.25 -0.44 13.53
C ASN A 246 -13.85 0.41 12.41
N THR A 247 -13.40 0.19 11.18
CA THR A 247 -13.94 0.90 10.01
C THR A 247 -14.33 -0.14 8.98
N ASN A 248 -15.40 0.12 8.23
CA ASN A 248 -15.76 -0.82 7.18
C ASN A 248 -15.27 -0.15 5.89
N PRO A 249 -15.17 -0.90 4.79
CA PRO A 249 -14.69 -0.36 3.51
C PRO A 249 -15.39 0.89 2.99
N PHE A 250 -16.71 0.94 3.15
CA PHE A 250 -17.46 2.08 2.66
C PHE A 250 -17.08 3.40 3.33
N GLU A 251 -16.72 3.32 4.60
CA GLU A 251 -16.35 4.50 5.38
C GLU A 251 -15.00 5.13 5.00
N VAL A 252 -14.14 4.36 4.35
CA VAL A 252 -12.82 4.87 3.98
C VAL A 252 -12.57 5.00 2.48
N GLY A 253 -13.64 5.06 1.70
CA GLY A 253 -13.53 5.23 0.27
C GLY A 253 -13.16 4.00 -0.54
N LEU A 254 -13.37 2.82 0.04
CA LEU A 254 -13.02 1.58 -0.63
C LEU A 254 -14.24 0.80 -1.13
N SER A 255 -15.33 1.50 -1.39
CA SER A 255 -16.53 0.82 -1.87
C SER A 255 -16.22 0.08 -3.17
N TRP A 256 -15.29 0.61 -3.96
CA TRP A 256 -14.93 -0.01 -5.24
C TRP A 256 -14.25 -1.38 -5.16
N VAL A 257 -13.83 -1.80 -3.98
CA VAL A 257 -13.21 -3.12 -3.87
C VAL A 257 -14.19 -4.11 -3.23
N VAL A 258 -15.42 -3.66 -3.01
CA VAL A 258 -16.45 -4.51 -2.41
C VAL A 258 -17.54 -4.84 -3.42
N LYS A 259 -17.73 -6.13 -3.69
CA LYS A 259 -18.76 -6.54 -4.64
C LYS A 259 -19.77 -7.41 -3.91
N LEU A 260 -20.89 -6.78 -3.55
CA LEU A 260 -21.97 -7.42 -2.82
C LEU A 260 -22.76 -8.44 -3.62
N ASN A 261 -22.45 -8.58 -4.91
CA ASN A 261 -23.17 -9.53 -5.74
C ASN A 261 -22.66 -10.96 -5.53
N LYS A 262 -21.63 -11.10 -4.70
CA LYS A 262 -21.07 -12.42 -4.40
C LYS A 262 -21.11 -12.70 -2.91
N ASP A 263 -20.67 -13.89 -2.52
CA ASP A 263 -20.68 -14.28 -1.11
C ASP A 263 -19.25 -14.26 -0.53
N PHE A 264 -19.09 -13.66 0.64
CA PHE A 264 -17.78 -13.56 1.28
C PHE A 264 -17.94 -13.24 2.76
N VAL A 265 -16.85 -13.37 3.51
CA VAL A 265 -16.87 -13.10 4.94
C VAL A 265 -17.14 -11.62 5.20
N GLY A 266 -18.21 -11.33 5.93
CA GLY A 266 -18.59 -9.96 6.24
C GLY A 266 -19.66 -9.42 5.32
N LYS A 267 -20.05 -10.22 4.33
CA LYS A 267 -21.07 -9.84 3.35
C LYS A 267 -22.35 -9.26 3.96
N GLU A 268 -23.02 -10.04 4.80
CA GLU A 268 -24.27 -9.60 5.43
C GLU A 268 -24.08 -8.31 6.20
N ALA A 269 -22.99 -8.22 6.95
CA ALA A 269 -22.71 -7.03 7.74
C ALA A 269 -22.53 -5.83 6.80
N LEU A 270 -21.86 -6.05 5.67
CA LEU A 270 -21.61 -4.96 4.73
C LEU A 270 -22.87 -4.51 3.98
N LEU A 271 -23.79 -5.42 3.73
CA LEU A 271 -25.03 -5.05 3.05
C LEU A 271 -25.73 -4.01 3.93
N LYS A 272 -25.82 -4.31 5.22
CA LYS A 272 -26.44 -3.39 6.17
C LYS A 272 -25.62 -2.11 6.31
N ALA A 273 -24.29 -2.24 6.31
CA ALA A 273 -23.42 -1.08 6.44
C ALA A 273 -23.59 -0.12 5.27
N LYS A 274 -23.66 -0.68 4.06
CA LYS A 274 -23.82 0.13 2.86
C LYS A 274 -25.07 1.00 2.91
N GLU A 275 -26.09 0.52 3.61
CA GLU A 275 -27.34 1.26 3.74
C GLU A 275 -27.19 2.54 4.56
N LYS A 276 -26.25 2.56 5.49
CA LYS A 276 -26.03 3.74 6.31
C LYS A 276 -24.56 4.07 6.53
N VAL A 277 -23.95 4.69 5.54
CA VAL A 277 -22.55 5.09 5.63
C VAL A 277 -22.56 6.45 6.31
N GLU A 278 -22.13 6.48 7.57
CA GLU A 278 -22.13 7.70 8.37
C GLU A 278 -20.78 8.43 8.45
N ARG A 279 -19.74 7.83 7.88
CA ARG A 279 -18.42 8.44 7.92
C ARG A 279 -17.76 8.36 6.54
N LYS A 280 -16.78 9.24 6.32
CA LYS A 280 -16.06 9.26 5.05
C LYS A 280 -14.64 9.73 5.31
N LEU A 281 -13.72 9.35 4.42
CA LEU A 281 -12.33 9.75 4.57
C LEU A 281 -12.08 10.88 3.57
N VAL A 282 -11.82 12.07 4.08
CA VAL A 282 -11.58 13.22 3.22
C VAL A 282 -10.12 13.67 3.20
N ALA A 283 -9.76 14.35 2.11
CA ALA A 283 -8.42 14.88 1.91
C ALA A 283 -8.43 16.32 2.39
N LEU A 284 -7.46 16.67 3.23
CA LEU A 284 -7.36 18.01 3.76
C LEU A 284 -6.05 18.70 3.41
N GLU A 285 -6.11 20.00 3.19
CA GLU A 285 -4.91 20.78 2.94
C GLU A 285 -4.92 21.82 4.03
N LEU A 286 -3.96 21.70 4.95
CA LEU A 286 -3.86 22.61 6.07
C LEU A 286 -3.06 23.85 5.70
N SER A 287 -3.25 24.91 6.48
CA SER A 287 -2.49 26.12 6.24
C SER A 287 -1.25 25.96 7.11
N GLY A 288 -0.15 26.58 6.73
CA GLY A 288 1.05 26.46 7.55
C GLY A 288 1.95 25.27 7.24
N LYS A 289 3.00 25.13 8.05
CA LYS A 289 3.98 24.06 7.85
C LYS A 289 3.84 22.88 8.81
N ARG A 290 3.03 23.04 9.86
CA ARG A 290 2.84 21.98 10.83
C ARG A 290 2.13 20.77 10.23
N ILE A 291 2.56 19.57 10.63
CA ILE A 291 1.99 18.34 10.12
C ILE A 291 1.01 17.70 11.11
N ALA A 292 -0.21 17.45 10.67
CA ALA A 292 -1.22 16.83 11.53
C ALA A 292 -0.86 15.37 11.75
N ARG A 293 -1.20 14.86 12.94
CA ARG A 293 -0.91 13.47 13.26
C ARG A 293 -2.20 12.72 13.60
N LYS A 294 -2.15 11.40 13.51
CA LYS A 294 -3.32 10.58 13.79
C LYS A 294 -3.94 10.92 15.14
N GLY A 295 -5.26 11.07 15.15
CA GLY A 295 -5.93 11.37 16.40
C GLY A 295 -6.29 12.83 16.65
N TYR A 296 -5.62 13.76 15.98
CA TYR A 296 -5.94 15.17 16.16
C TYR A 296 -7.40 15.38 15.80
N GLU A 297 -8.15 16.05 16.66
CA GLU A 297 -9.56 16.27 16.39
C GLU A 297 -9.81 17.27 15.25
N VAL A 298 -10.81 16.96 14.44
CA VAL A 298 -11.16 17.82 13.31
C VAL A 298 -12.54 18.40 13.59
N LEU A 299 -12.63 19.72 13.50
CA LEU A 299 -13.87 20.46 13.78
C LEU A 299 -14.39 21.24 12.59
N LYS A 300 -15.69 21.54 12.64
CA LYS A 300 -16.34 22.33 11.60
C LYS A 300 -17.11 23.44 12.33
N ASN A 301 -16.61 24.66 12.22
CA ASN A 301 -17.23 25.80 12.89
C ASN A 301 -17.35 25.59 14.40
N GLY A 302 -16.38 24.93 15.01
CA GLY A 302 -16.41 24.70 16.44
C GLY A 302 -17.01 23.39 16.92
N GLU A 303 -17.54 22.58 16.02
CA GLU A 303 -18.12 21.30 16.41
C GLU A 303 -17.29 20.16 15.83
N ARG A 304 -17.07 19.10 16.61
CA ARG A 304 -16.27 17.97 16.15
C ARG A 304 -16.96 17.17 15.04
N VAL A 305 -16.22 16.88 13.99
CA VAL A 305 -16.75 16.11 12.88
C VAL A 305 -15.93 14.86 12.63
N GLY A 306 -14.79 14.74 13.31
CA GLY A 306 -13.96 13.57 13.14
C GLY A 306 -12.54 13.71 13.66
N GLU A 307 -11.62 12.98 13.05
CA GLU A 307 -10.24 13.03 13.47
C GLU A 307 -9.27 12.72 12.34
N ILE A 308 -8.06 13.24 12.47
CA ILE A 308 -7.02 13.01 11.48
C ILE A 308 -6.63 11.54 11.50
N THR A 309 -6.30 10.99 10.33
CA THR A 309 -5.86 9.60 10.28
C THR A 309 -4.40 9.58 9.87
N SER A 310 -4.07 10.36 8.84
CA SER A 310 -2.71 10.45 8.32
C SER A 310 -2.33 11.89 7.98
N GLY A 311 -1.08 12.24 8.22
CA GLY A 311 -0.63 13.59 7.92
C GLY A 311 0.82 13.60 7.48
N ASN A 312 1.20 14.61 6.72
CA ASN A 312 2.58 14.73 6.27
C ASN A 312 2.70 16.00 5.45
N PHE A 313 3.93 16.35 5.06
CA PHE A 313 4.11 17.53 4.24
C PHE A 313 4.43 17.10 2.83
N SER A 314 3.67 17.61 1.88
CA SER A 314 3.85 17.29 0.48
C SER A 314 4.74 18.29 -0.25
N PRO A 315 5.94 17.87 -0.66
CA PRO A 315 6.82 18.80 -1.37
C PRO A 315 6.29 19.01 -2.79
N THR A 316 5.50 18.05 -3.28
CA THR A 316 4.94 18.15 -4.63
C THR A 316 3.90 19.26 -4.72
N LEU A 317 3.10 19.42 -3.67
CA LEU A 317 2.09 20.46 -3.66
C LEU A 317 2.52 21.63 -2.79
N GLY A 318 3.63 21.44 -2.06
CA GLY A 318 4.14 22.47 -1.17
C GLY A 318 3.13 22.79 -0.09
N LYS A 319 2.54 21.75 0.48
CA LYS A 319 1.52 21.94 1.51
C LYS A 319 1.48 20.83 2.56
N SER A 320 1.01 21.19 3.74
CA SER A 320 0.82 20.22 4.81
C SER A 320 -0.51 19.56 4.41
N ILE A 321 -0.51 18.24 4.24
CA ILE A 321 -1.72 17.55 3.82
C ILE A 321 -2.13 16.45 4.79
N ALA A 322 -3.40 16.06 4.75
CA ALA A 322 -3.88 15.03 5.64
C ALA A 322 -5.12 14.31 5.15
N LEU A 323 -5.35 13.15 5.75
CA LEU A 323 -6.53 12.33 5.46
C LEU A 323 -7.24 12.39 6.80
N ALA A 324 -8.57 12.44 6.78
CA ALA A 324 -9.34 12.49 8.03
C ALA A 324 -10.66 11.75 7.90
N LEU A 325 -11.01 10.99 8.95
CA LEU A 325 -12.25 10.24 8.98
C LEU A 325 -13.25 11.16 9.66
N VAL A 326 -14.22 11.63 8.88
CA VAL A 326 -15.20 12.58 9.37
C VAL A 326 -16.64 12.19 9.06
N SER A 327 -17.58 12.94 9.64
CA SER A 327 -18.99 12.68 9.40
C SER A 327 -19.33 12.87 7.93
N LYS A 328 -20.36 12.15 7.49
CA LYS A 328 -20.83 12.19 6.10
C LYS A 328 -21.25 13.59 5.67
N SER A 329 -21.51 14.46 6.63
CA SER A 329 -21.94 15.83 6.33
C SER A 329 -20.83 16.73 5.76
N VAL A 330 -19.58 16.36 5.98
CA VAL A 330 -18.46 17.16 5.49
C VAL A 330 -18.38 17.06 3.97
N LYS A 331 -18.16 18.20 3.31
CA LYS A 331 -18.09 18.24 1.86
C LYS A 331 -16.86 18.99 1.35
N ILE A 332 -16.47 18.71 0.10
CA ILE A 332 -15.33 19.37 -0.51
C ILE A 332 -15.56 20.88 -0.50
N GLY A 333 -14.54 21.63 -0.09
CA GLY A 333 -14.66 23.07 -0.04
C GLY A 333 -14.88 23.58 1.38
N ASP A 334 -15.27 22.69 2.29
CA ASP A 334 -15.49 23.09 3.67
C ASP A 334 -14.21 23.56 4.35
N GLN A 335 -14.35 24.52 5.25
CA GLN A 335 -13.23 25.05 6.01
C GLN A 335 -13.32 24.36 7.36
N LEU A 336 -12.31 23.55 7.69
CA LEU A 336 -12.32 22.85 8.95
C LEU A 336 -11.21 23.34 9.87
N GLY A 337 -11.18 22.80 11.08
CA GLY A 337 -10.15 23.15 12.04
C GLY A 337 -9.55 21.89 12.62
N VAL A 338 -8.23 21.83 12.68
CA VAL A 338 -7.56 20.66 13.24
C VAL A 338 -6.95 21.07 14.58
N VAL A 339 -7.30 20.33 15.62
CA VAL A 339 -6.80 20.64 16.96
C VAL A 339 -5.45 20.01 17.22
N PHE A 340 -4.44 20.86 17.31
CA PHE A 340 -3.08 20.40 17.58
C PHE A 340 -2.87 20.39 19.08
N PRO A 341 -1.86 19.66 19.56
CA PRO A 341 -1.60 19.61 21.00
C PRO A 341 -1.57 21.00 21.62
N GLY A 342 -2.21 21.15 22.79
CA GLY A 342 -2.24 22.44 23.43
C GLY A 342 -3.46 23.23 22.98
N GLY A 343 -4.37 22.54 22.28
CA GLY A 343 -5.59 23.16 21.82
C GLY A 343 -5.52 24.17 20.68
N LYS A 344 -4.38 24.24 19.99
CA LYS A 344 -4.22 25.19 18.90
C LYS A 344 -4.89 24.71 17.61
N LEU A 345 -5.83 25.51 17.12
CA LEU A 345 -6.56 25.18 15.90
C LEU A 345 -5.82 25.62 14.64
N VAL A 346 -5.74 24.71 13.68
CA VAL A 346 -5.08 25.00 12.41
C VAL A 346 -6.13 24.82 11.32
N GLU A 347 -6.32 25.85 10.51
CA GLU A 347 -7.31 25.79 9.44
C GLU A 347 -6.96 24.74 8.40
N ALA A 348 -7.98 24.09 7.86
CA ALA A 348 -7.80 23.08 6.84
C ALA A 348 -8.94 23.17 5.85
N LEU A 349 -8.64 22.89 4.59
CA LEU A 349 -9.63 22.94 3.54
C LEU A 349 -9.84 21.54 2.98
N VAL A 350 -11.10 21.15 2.80
CA VAL A 350 -11.40 19.84 2.23
C VAL A 350 -11.23 19.94 0.72
N VAL A 351 -10.41 19.06 0.15
CA VAL A 351 -10.18 19.07 -1.29
C VAL A 351 -10.56 17.76 -1.94
N LYS A 352 -10.80 17.79 -3.25
CA LYS A 352 -11.16 16.60 -4.00
C LYS A 352 -10.00 15.62 -4.01
N LYS A 353 -10.30 14.33 -3.84
CA LYS A 353 -9.27 13.31 -3.84
C LYS A 353 -9.05 12.80 -5.25
N PRO A 354 -7.81 12.41 -5.59
CA PRO A 354 -6.61 12.43 -4.75
C PRO A 354 -5.89 13.77 -4.86
N PHE A 355 -4.91 14.00 -3.99
CA PHE A 355 -4.14 15.25 -4.04
C PHE A 355 -3.34 15.32 -5.34
N TYR A 356 -2.79 14.18 -5.74
CA TYR A 356 -1.93 14.12 -6.92
C TYR A 356 -2.03 12.81 -7.67
N ARG A 357 -2.05 12.90 -9.00
CA ARG A 357 -2.10 11.73 -9.88
C ARG A 357 -0.86 11.85 -10.76
N GLY A 358 0.04 10.88 -10.65
CA GLY A 358 1.25 10.92 -11.45
C GLY A 358 1.17 10.07 -12.70
N SER A 359 2.29 9.41 -13.02
CA SER A 359 2.36 8.58 -14.21
C SER A 359 1.77 7.16 -14.06
N VAL A 360 1.10 6.87 -12.94
CA VAL A 360 0.52 5.53 -12.78
C VAL A 360 -0.44 5.20 -13.92
N ARG A 361 -0.45 3.94 -14.34
CA ARG A 361 -1.35 3.52 -15.40
C ARG A 361 -2.67 3.06 -14.77
#